data_7Q3W
#
_entry.id   7Q3W
#
_cell.length_a   50.918
_cell.length_b   69.002
_cell.length_c   116.702
_cell.angle_alpha   90.000
_cell.angle_beta   90.000
_cell.angle_gamma   90.000
#
_symmetry.space_group_name_H-M   'I 2 2 2'
#
loop_
_entity.id
_entity.type
_entity.pdbx_description
1 polymer 'Cholinephosphate cytidylyltransferase'
2 non-polymer Guanidinium
3 non-polymer (R)-2-Aminobutanamide
4 water water
#
_entity_poly.entity_id   1
_entity_poly.type   'polypeptide(L)'
_entity_poly.pdbx_seq_one_letter_code
;GHMAVPDDDDDDDNSNDESEYESSQMDSEKNKGSIKNSKNVVIYADGVYDMLHLGHMKQLEQAKKLFENTTLIVGVTSDN
ETKLFKGQVVQTLEERTETLKHIRWVDEIISPCPWVVTPEFLEKYKIDYVAHDDIPYANNQKEDIYAWLKRAGKFKATQR
TEGVSTTDLIVRILKNYEDY
;
_entity_poly.pdbx_strand_id   A
#
# COMPACT_ATOMS: atom_id res chain seq x y z
N SER A 38 5.83 12.87 21.51
CA SER A 38 6.73 11.73 21.42
C SER A 38 7.54 11.74 20.12
N LYS A 39 8.58 10.91 20.07
CA LYS A 39 9.49 10.88 18.94
C LYS A 39 8.76 10.48 17.66
N ASN A 40 9.17 11.06 16.54
CA ASN A 40 8.55 10.73 15.27
C ASN A 40 9.02 9.37 14.79
N VAL A 41 8.10 8.59 14.26
CA VAL A 41 8.31 7.20 13.87
C VAL A 41 8.05 7.08 12.37
N VAL A 42 9.02 6.56 11.63
CA VAL A 42 8.90 6.43 10.18
C VAL A 42 8.29 5.07 9.84
N ILE A 43 7.17 5.09 9.13
CA ILE A 43 6.45 3.88 8.75
C ILE A 43 6.54 3.73 7.25
N TYR A 44 6.76 2.50 6.79
CA TYR A 44 6.78 2.21 5.36
C TYR A 44 5.69 1.20 5.03
N ALA A 45 4.88 1.52 4.02
CA ALA A 45 3.94 0.57 3.44
C ALA A 45 4.17 0.55 1.93
N ASP A 46 3.91 -0.58 1.30
CA ASP A 46 4.04 -0.58 -0.15
C ASP A 46 2.92 -1.42 -0.75
N GLY A 47 2.77 -1.29 -2.06
CA GLY A 47 1.74 -2.03 -2.76
C GLY A 47 1.57 -1.53 -4.18
N VAL A 48 0.53 -2.05 -4.84
CA VAL A 48 0.25 -1.65 -6.22
C VAL A 48 -0.58 -0.37 -6.25
N TYR A 49 -1.64 -0.30 -5.43
CA TYR A 49 -2.55 0.84 -5.42
C TYR A 49 -3.18 1.07 -6.79
N ASP A 50 -3.55 -0.03 -7.47
CA ASP A 50 -4.33 0.07 -8.69
C ASP A 50 -5.79 0.45 -8.34
N MET A 51 -6.36 1.38 -9.12
CA MET A 51 -7.77 1.73 -8.95
C MET A 51 -8.07 2.02 -7.47
N LEU A 52 -7.31 2.95 -6.92
CA LEU A 52 -7.33 3.25 -5.50
C LEU A 52 -8.74 3.33 -4.95
N HIS A 53 -8.99 2.64 -3.84
CA HIS A 53 -10.33 2.54 -3.30
C HIS A 53 -10.30 2.63 -1.78
N LEU A 54 -11.50 2.64 -1.19
CA LEU A 54 -11.61 2.87 0.25
C LEU A 54 -10.77 1.89 1.05
N GLY A 55 -10.60 0.68 0.53
CA GLY A 55 -9.82 -0.32 1.25
C GLY A 55 -8.35 0.06 1.37
N HIS A 56 -7.77 0.56 0.28
CA HIS A 56 -6.41 1.08 0.36
C HIS A 56 -6.36 2.23 1.36
N MET A 57 -7.33 3.12 1.28
CA MET A 57 -7.26 4.33 2.10
C MET A 57 -7.31 3.98 3.58
N LYS A 58 -8.15 3.00 3.95
CA LYS A 58 -8.26 2.62 5.35
C LYS A 58 -6.97 1.97 5.84
N GLN A 59 -6.30 1.22 4.97
CA GLN A 59 -5.06 0.57 5.37
C GLN A 59 -3.93 1.59 5.46
N LEU A 60 -3.94 2.62 4.61
CA LEU A 60 -2.97 3.69 4.77
C LEU A 60 -3.23 4.47 6.05
N GLU A 61 -4.49 4.80 6.33
CA GLU A 61 -4.81 5.48 7.59
C GLU A 61 -4.31 4.68 8.79
N GLN A 62 -4.54 3.37 8.76
CA GLN A 62 -4.12 2.53 9.89
C GLN A 62 -2.60 2.57 10.04
N ALA A 63 -1.86 2.50 8.94
CA ALA A 63 -0.41 2.57 9.03
C ALA A 63 0.04 3.92 9.56
N LYS A 64 -0.61 5.00 9.10
CA LYS A 64 -0.26 6.34 9.56
C LYS A 64 -0.47 6.48 11.06
N LYS A 65 -1.49 5.77 11.59
CA LYS A 65 -1.90 5.94 12.97
C LYS A 65 -1.31 4.90 13.92
N LEU A 66 -0.34 4.10 13.45
CA LEU A 66 0.29 3.12 14.33
C LEU A 66 0.92 3.76 15.56
N PHE A 67 1.45 4.97 15.44
CA PHE A 67 1.95 5.73 16.58
C PHE A 67 1.44 7.17 16.50
N GLU A 68 1.60 7.89 17.61
CA GLU A 68 1.01 9.22 17.72
C GLU A 68 1.64 10.20 16.74
N ASN A 69 2.95 10.06 16.50
CA ASN A 69 3.67 10.96 15.59
C ASN A 69 4.45 10.10 14.61
N THR A 70 4.04 10.12 13.35
CA THR A 70 4.61 9.26 12.33
C THR A 70 4.88 10.06 11.06
N THR A 71 5.77 9.51 10.25
CA THR A 71 5.90 9.84 8.84
C THR A 71 5.60 8.58 8.05
N LEU A 72 4.57 8.62 7.20
CA LEU A 72 4.17 7.46 6.43
C LEU A 72 4.77 7.59 5.03
N ILE A 73 5.69 6.68 4.70
CA ILE A 73 6.28 6.57 3.37
C ILE A 73 5.58 5.43 2.65
N VAL A 74 5.09 5.69 1.44
CA VAL A 74 4.38 4.67 0.66
C VAL A 74 5.18 4.37 -0.60
N GLY A 75 5.47 3.09 -0.82
CA GLY A 75 6.13 2.67 -2.04
C GLY A 75 5.11 2.13 -3.03
N VAL A 76 5.28 2.48 -4.29
CA VAL A 76 4.35 2.09 -5.35
C VAL A 76 5.10 1.20 -6.32
N THR A 77 4.58 -0.01 -6.57
CA THR A 77 5.36 -0.99 -7.32
C THR A 77 5.35 -0.69 -8.81
N SER A 78 6.42 -1.08 -9.49
CA SER A 78 6.55 -0.79 -10.91
C SER A 78 5.55 -1.60 -11.72
N ASP A 79 5.25 -1.10 -12.92
CA ASP A 79 4.34 -1.84 -13.81
C ASP A 79 4.92 -3.20 -14.17
N ASN A 80 6.20 -3.25 -14.56
CA ASN A 80 6.79 -4.50 -15.07
C ASN A 80 6.87 -5.56 -13.98
N GLU A 81 7.32 -5.17 -12.79
CA GLU A 81 7.48 -6.17 -11.74
C GLU A 81 6.12 -6.63 -11.22
N THR A 82 5.15 -5.72 -11.12
CA THR A 82 3.83 -6.13 -10.67
C THR A 82 3.23 -7.16 -11.62
N LYS A 83 3.31 -6.91 -12.92
CA LYS A 83 2.72 -7.84 -13.88
C LYS A 83 3.50 -9.15 -13.93
N LEU A 84 4.80 -9.10 -13.76
CA LEU A 84 5.60 -10.32 -13.84
C LEU A 84 5.39 -11.20 -12.62
N PHE A 85 5.25 -10.59 -11.43
CA PHE A 85 5.28 -11.35 -10.19
C PHE A 85 3.93 -11.48 -9.50
N LYS A 86 2.97 -10.61 -9.80
CA LYS A 86 1.74 -10.56 -9.02
C LYS A 86 0.50 -10.71 -9.88
N GLY A 87 0.27 -9.83 -10.85
CA GLY A 87 -0.88 -9.96 -11.72
C GLY A 87 -1.13 -8.66 -12.48
N GLN A 88 -2.30 -8.62 -13.12
CA GLN A 88 -2.61 -7.51 -14.01
C GLN A 88 -2.86 -6.22 -13.25
N VAL A 89 -2.54 -5.11 -13.91
CA VAL A 89 -2.64 -3.76 -13.36
CA VAL A 89 -2.64 -3.77 -13.36
C VAL A 89 -3.13 -2.85 -14.46
N VAL A 90 -4.20 -2.10 -14.19
CA VAL A 90 -4.79 -1.24 -15.22
C VAL A 90 -4.00 0.05 -15.35
N GLN A 91 -3.70 0.71 -14.23
CA GLN A 91 -3.14 2.03 -14.28
C GLN A 91 -1.62 1.99 -14.29
N THR A 92 -1.02 2.97 -14.97
CA THR A 92 0.44 3.04 -15.01
C THR A 92 0.99 3.45 -13.65
N LEU A 93 2.30 3.25 -13.48
CA LEU A 93 2.97 3.74 -12.28
C LEU A 93 2.66 5.20 -12.03
N GLU A 94 2.77 6.01 -13.08
CA GLU A 94 2.55 7.46 -12.93
C GLU A 94 1.13 7.75 -12.46
N GLU A 95 0.13 7.06 -13.03
CA GLU A 95 -1.26 7.27 -12.62
C GLU A 95 -1.48 6.83 -11.18
N ARG A 96 -0.92 5.67 -10.81
CA ARG A 96 -1.15 5.15 -9.47
C ARG A 96 -0.52 6.07 -8.45
N THR A 97 0.65 6.60 -8.79
CA THR A 97 1.37 7.50 -7.90
C THR A 97 0.66 8.84 -7.78
N GLU A 98 0.19 9.38 -8.90
CA GLU A 98 -0.46 10.68 -8.86
C GLU A 98 -1.76 10.63 -8.06
N THR A 99 -2.48 9.51 -8.13
CA THR A 99 -3.70 9.41 -7.32
C THR A 99 -3.37 9.33 -5.84
N LEU A 100 -2.36 8.54 -5.49
CA LEU A 100 -1.97 8.35 -4.11
C LEU A 100 -1.60 9.66 -3.43
N LYS A 101 -1.03 10.63 -4.16
CA LYS A 101 -0.58 11.83 -3.48
C LYS A 101 -1.73 12.65 -2.89
N HIS A 102 -2.98 12.39 -3.30
CA HIS A 102 -4.12 13.14 -2.79
C HIS A 102 -4.63 12.60 -1.48
N ILE A 103 -4.07 11.52 -0.98
CA ILE A 103 -4.55 10.85 0.21
C ILE A 103 -3.88 11.53 1.41
N ARG A 104 -4.69 11.93 2.39
CA ARG A 104 -4.19 12.71 3.52
CA ARG A 104 -4.17 12.75 3.50
C ARG A 104 -3.14 12.03 4.35
N TRP A 105 -3.17 10.72 4.42
CA TRP A 105 -2.27 9.99 5.31
C TRP A 105 -0.86 9.82 4.78
N VAL A 106 -0.66 10.03 3.50
CA VAL A 106 0.60 9.74 2.81
C VAL A 106 1.53 10.92 3.01
N ASP A 107 2.71 10.71 3.61
CA ASP A 107 3.64 11.82 3.75
C ASP A 107 4.72 11.85 2.68
N GLU A 108 5.15 10.68 2.22
CA GLU A 108 6.14 10.58 1.16
C GLU A 108 5.80 9.38 0.31
N ILE A 109 6.17 9.45 -0.95
CA ILE A 109 5.97 8.35 -1.88
C ILE A 109 7.31 7.98 -2.50
N ILE A 110 7.57 6.67 -2.60
CA ILE A 110 8.73 6.15 -3.30
C ILE A 110 8.19 5.46 -4.53
N SER A 111 8.43 6.04 -5.70
CA SER A 111 7.78 5.55 -6.92
C SER A 111 8.77 5.56 -8.08
N PRO A 112 9.16 4.38 -8.62
CA PRO A 112 8.74 3.05 -8.17
C PRO A 112 9.49 2.63 -6.93
N CYS A 113 8.90 1.74 -6.15
CA CYS A 113 9.62 1.15 -5.02
C CYS A 113 10.24 -0.18 -5.43
N PRO A 114 11.18 -0.68 -4.65
CA PRO A 114 11.74 -2.00 -4.95
C PRO A 114 10.68 -3.07 -4.74
N TRP A 115 10.74 -4.12 -5.57
CA TRP A 115 9.78 -5.20 -5.42
C TRP A 115 9.96 -5.90 -4.08
N VAL A 116 11.20 -6.05 -3.62
CA VAL A 116 11.51 -6.75 -2.38
C VAL A 116 12.19 -5.78 -1.43
N VAL A 117 11.63 -5.66 -0.23
CA VAL A 117 12.22 -4.80 0.80
C VAL A 117 13.48 -5.46 1.34
N THR A 118 14.54 -4.68 1.51
CA THR A 118 15.82 -5.16 2.04
C THR A 118 16.23 -4.35 3.25
N PRO A 119 17.11 -4.90 4.10
CA PRO A 119 17.60 -4.11 5.24
C PRO A 119 18.28 -2.83 4.82
N GLU A 120 19.02 -2.85 3.71
CA GLU A 120 19.67 -1.63 3.22
C GLU A 120 18.64 -0.56 2.88
N PHE A 121 17.53 -0.97 2.28
CA PHE A 121 16.46 -0.02 1.97
C PHE A 121 15.93 0.62 3.24
N LEU A 122 15.71 -0.18 4.28
CA LEU A 122 15.22 0.38 5.54
C LEU A 122 16.22 1.39 6.10
N GLU A 123 17.52 1.09 6.03
CA GLU A 123 18.54 2.00 6.53
C GLU A 123 18.55 3.30 5.72
N LYS A 124 18.49 3.18 4.40
CA LYS A 124 18.55 4.35 3.54
C LYS A 124 17.45 5.35 3.87
N TYR A 125 16.23 4.87 4.10
CA TYR A 125 15.11 5.76 4.36
C TYR A 125 14.79 5.90 5.85
N LYS A 126 15.67 5.39 6.73
CA LYS A 126 15.49 5.51 8.17
C LYS A 126 14.13 4.97 8.62
N ILE A 127 13.75 3.82 8.09
CA ILE A 127 12.41 3.30 8.35
C ILE A 127 12.43 2.54 9.68
N ASP A 128 11.48 2.89 10.55
CA ASP A 128 11.38 2.22 11.84
C ASP A 128 10.50 0.96 11.79
N TYR A 129 9.38 1.02 11.07
CA TYR A 129 8.50 -0.13 10.94
C TYR A 129 7.99 -0.24 9.51
N VAL A 130 7.81 -1.48 9.07
CA VAL A 130 7.11 -1.78 7.83
C VAL A 130 5.71 -2.23 8.20
N ALA A 131 4.70 -1.62 7.58
CA ALA A 131 3.31 -1.94 7.85
C ALA A 131 2.76 -2.77 6.69
N HIS A 132 2.22 -3.95 6.99
CA HIS A 132 1.66 -4.77 5.93
C HIS A 132 0.64 -5.73 6.53
N ASP A 133 -0.16 -6.34 5.65
CA ASP A 133 -1.10 -7.37 6.08
C ASP A 133 -0.48 -8.76 5.94
N ASP A 144 7.36 -16.92 6.36
CA ASP A 144 7.03 -16.03 5.24
C ASP A 144 8.25 -15.22 4.82
N ILE A 145 8.05 -14.29 3.88
CA ILE A 145 9.13 -13.42 3.41
C ILE A 145 9.28 -12.18 4.28
N TYR A 146 8.33 -11.91 5.17
CA TYR A 146 8.48 -10.89 6.20
C TYR A 146 9.17 -11.42 7.44
N ALA A 147 9.72 -12.64 7.39
CA ALA A 147 10.32 -13.23 8.58
C ALA A 147 11.39 -12.34 9.16
N TRP A 148 12.34 -11.90 8.33
CA TRP A 148 13.43 -11.08 8.87
C TRP A 148 12.93 -9.77 9.43
N LEU A 149 11.82 -9.24 8.90
CA LEU A 149 11.26 -8.02 9.45
C LEU A 149 10.73 -8.24 10.86
N LYS A 150 10.00 -9.34 11.09
CA LYS A 150 9.52 -9.64 12.43
C LYS A 150 10.70 -9.92 13.34
N ARG A 151 11.72 -10.58 12.82
CA ARG A 151 12.91 -10.92 13.67
C ARG A 151 13.60 -9.64 14.11
N ALA A 152 13.56 -8.60 13.26
CA ALA A 152 14.21 -7.35 13.63
C ALA A 152 13.32 -6.42 14.47
N GLY A 153 12.07 -6.81 14.72
CA GLY A 153 11.14 -5.97 15.44
C GLY A 153 10.57 -4.85 14.61
N LYS A 154 10.61 -4.97 13.29
CA LYS A 154 10.25 -3.87 12.41
C LYS A 154 8.97 -4.14 11.62
N PHE A 155 8.14 -5.07 12.09
CA PHE A 155 6.90 -5.45 11.40
C PHE A 155 5.68 -4.99 12.19
N LYS A 156 4.73 -4.35 11.52
CA LYS A 156 3.47 -3.95 12.13
C LYS A 156 2.33 -4.36 11.22
N ALA A 157 1.39 -5.13 11.76
CA ALA A 157 0.29 -5.63 10.95
C ALA A 157 -0.76 -4.54 10.72
N THR A 158 -1.30 -4.52 9.50
CA THR A 158 -2.48 -3.74 9.16
C THR A 158 -3.44 -4.67 8.46
N GLN A 159 -4.68 -4.24 8.28
CA GLN A 159 -5.72 -5.13 7.77
C GLN A 159 -6.28 -4.65 6.44
N ARG A 160 -6.57 -5.61 5.57
CA ARG A 160 -7.31 -5.35 4.35
C ARG A 160 -8.80 -5.44 4.64
N THR A 161 -9.57 -4.53 4.05
CA THR A 161 -11.02 -4.52 4.16
C THR A 161 -11.61 -5.19 2.93
N GLU A 162 -12.54 -6.12 3.14
CA GLU A 162 -13.18 -6.83 2.05
CA GLU A 162 -13.18 -6.83 2.05
C GLU A 162 -14.43 -6.11 1.59
N GLY A 163 -14.78 -6.29 0.32
CA GLY A 163 -16.02 -5.77 -0.20
C GLY A 163 -16.06 -4.29 -0.50
N VAL A 164 -14.92 -3.60 -0.63
CA VAL A 164 -14.96 -2.16 -0.84
C VAL A 164 -14.11 -1.75 -2.04
N SER A 165 -13.70 -2.71 -2.85
CA SER A 165 -12.78 -2.41 -3.93
C SER A 165 -13.50 -1.78 -5.11
N THR A 166 -12.71 -1.17 -5.99
CA THR A 166 -13.27 -0.57 -7.18
C THR A 166 -13.98 -1.61 -8.04
N THR A 167 -13.35 -2.77 -8.25
CA THR A 167 -14.06 -3.77 -9.05
C THR A 167 -15.33 -4.26 -8.35
N ASP A 168 -15.35 -4.28 -7.01
CA ASP A 168 -16.58 -4.60 -6.30
C ASP A 168 -17.70 -3.64 -6.67
N LEU A 169 -17.38 -2.36 -6.88
CA LEU A 169 -18.40 -1.40 -7.28
C LEU A 169 -18.94 -1.73 -8.66
N ILE A 170 -18.08 -2.18 -9.56
CA ILE A 170 -18.55 -2.51 -10.91
C ILE A 170 -19.46 -3.73 -10.86
N VAL A 171 -19.14 -4.69 -10.00
CA VAL A 171 -20.05 -5.82 -9.82
C VAL A 171 -21.42 -5.33 -9.35
N ARG A 172 -21.46 -4.35 -8.46
CA ARG A 172 -22.77 -3.84 -8.03
C ARG A 172 -23.52 -3.20 -9.20
N ILE A 173 -22.81 -2.47 -10.08
CA ILE A 173 -23.44 -1.94 -11.29
C ILE A 173 -24.04 -3.07 -12.12
N LEU A 174 -23.24 -4.10 -12.39
CA LEU A 174 -23.69 -5.20 -13.25
C LEU A 174 -24.91 -5.89 -12.69
N LYS A 175 -25.06 -5.90 -11.36
CA LYS A 175 -26.19 -6.61 -10.76
C LYS A 175 -27.52 -5.92 -10.99
N ASN A 176 -27.53 -4.72 -11.56
CA ASN A 176 -28.78 -4.09 -12.01
C ASN A 176 -29.39 -4.76 -13.23
N TYR A 177 -28.65 -5.65 -13.90
CA TYR A 177 -29.09 -6.27 -15.15
C TYR A 177 -29.33 -7.76 -14.90
N GLU A 178 -30.60 -8.16 -14.84
CA GLU A 178 -30.92 -9.53 -14.45
C GLU A 178 -30.42 -10.51 -15.50
N ASP A 179 -30.02 -11.69 -15.04
CA ASP A 179 -29.61 -12.75 -15.97
C ASP A 179 -30.70 -13.07 -16.97
N TYR A 180 -31.96 -13.03 -16.55
CA TYR A 180 -33.11 -13.41 -17.37
C TYR A 180 -34.22 -12.40 -17.22
#